data_4WY5
#
_entry.id   4WY5
#
_cell.length_a   56.691
_cell.length_b   64.528
_cell.length_c   64.792
_cell.angle_alpha   106.81
_cell.angle_beta   116.37
_cell.angle_gamma   103.64
#
_symmetry.space_group_name_H-M   'P 1'
#
loop_
_entity.id
_entity.type
_entity.pdbx_description
1 polymer Esterase
2 non-polymer 'SULFATE ION'
3 water water
#
_entity_poly.entity_id   1
_entity_poly.type   'polypeptide(L)'
_entity_poly.pdbx_seq_one_letter_code
;MTVGNPPIHPVYAAAFAAMKERPPIHTLDLKVVRESSEARQLAANIKLPEVIEEDKVVESDGKTLKLTIVRPPGTEDQIL
PVLIFLHGGGFVFGSKYTHIKPVRDLTVKANVVTVFVDYSLSPEAKFPTAIEEIYAAILWVRENASSLNINAEALAVAGD
SAGATLSAAVSIYAKEKGLSAAIKTQVLIYPATAVSHAKYESYKLFGNGDYILSAEDLKFFSNAYLPAPASELNDKLATL
ELATKADLEGLPPALLFTAESDVLRDEGEKYAQQLAEAGVDVAAVRVLGAVHGFITVPVETPQYRFTINTIVAHLRDIYA
KYNALEHHHHHH
;
_entity_poly.pdbx_strand_id   A,B
#
# COMPACT_ATOMS: atom_id res chain seq x y z
N GLY A 4 14.01 -4.07 15.46
CA GLY A 4 15.43 -4.05 15.17
C GLY A 4 15.87 -5.34 14.55
N ASN A 5 14.89 -6.22 14.37
CA ASN A 5 15.12 -7.60 14.01
C ASN A 5 13.98 -8.37 13.29
N PRO A 6 13.02 -7.68 12.64
CA PRO A 6 12.15 -8.55 11.82
C PRO A 6 12.85 -9.18 10.61
N PRO A 7 12.27 -10.27 10.06
CA PRO A 7 12.74 -10.87 8.81
C PRO A 7 12.69 -9.94 7.59
N ILE A 8 13.66 -10.12 6.68
CA ILE A 8 13.63 -9.47 5.37
C ILE A 8 13.56 -10.55 4.28
N HIS A 9 13.08 -10.18 3.09
CA HIS A 9 12.98 -11.13 1.97
C HIS A 9 14.38 -11.66 1.59
N PRO A 10 14.49 -12.97 1.33
CA PRO A 10 15.75 -13.63 0.97
C PRO A 10 16.54 -12.92 -0.12
N VAL A 11 15.86 -12.32 -1.11
CA VAL A 11 16.55 -11.57 -2.16
C VAL A 11 17.34 -10.39 -1.59
N TYR A 12 16.79 -9.72 -0.57
CA TYR A 12 17.47 -8.56 0.04
C TYR A 12 18.60 -9.04 0.92
N ALA A 13 18.39 -10.18 1.58
CA ALA A 13 19.44 -10.76 2.42
C ALA A 13 20.62 -11.22 1.56
N ALA A 14 20.33 -11.83 0.41
CA ALA A 14 21.39 -12.29 -0.48
C ALA A 14 22.19 -11.11 -1.06
N ALA A 15 21.49 -10.03 -1.37
CA ALA A 15 22.15 -8.86 -1.95
C ALA A 15 23.08 -8.15 -0.97
N PHE A 16 22.70 -8.08 0.30
CA PHE A 16 23.57 -7.42 1.30
C PHE A 16 24.84 -8.22 1.59
N ALA A 17 24.71 -9.55 1.63
CA ALA A 17 25.85 -10.42 1.94
C ALA A 17 27.00 -10.27 0.93
N ALA A 18 26.64 -10.12 -0.34
CA ALA A 18 27.61 -9.83 -1.38
C ALA A 18 28.29 -8.46 -1.15
N MET A 19 27.54 -7.50 -0.61
CA MET A 19 28.03 -6.14 -0.39
C MET A 19 28.93 -5.97 0.85
N LYS A 20 28.82 -6.88 1.81
CA LYS A 20 29.55 -6.78 3.07
C LYS A 20 31.07 -6.81 2.88
N GLU A 21 31.53 -7.33 1.74
CA GLU A 21 32.95 -7.44 1.45
C GLU A 21 33.62 -6.10 1.10
N ARG A 22 32.85 -5.16 0.58
CA ARG A 22 33.39 -3.89 0.08
C ARG A 22 33.83 -2.91 1.18
N PRO A 23 34.80 -2.03 0.86
CA PRO A 23 35.29 -0.89 1.63
C PRO A 23 34.26 0.23 1.74
N PRO A 24 34.38 1.11 2.74
CA PRO A 24 33.39 2.20 2.80
C PRO A 24 33.47 3.13 1.58
N ILE A 25 32.51 4.03 1.46
CA ILE A 25 32.29 4.73 0.19
C ILE A 25 33.32 5.82 -0.01
N HIS A 26 33.70 6.51 1.06
CA HIS A 26 34.62 7.64 0.95
C HIS A 26 36.02 7.20 0.48
N THR A 27 36.23 5.89 0.31
CA THR A 27 37.47 5.35 -0.20
C THR A 27 37.28 4.69 -1.56
N LEU A 28 36.65 5.40 -2.50
CA LEU A 28 36.48 4.90 -3.86
C LEU A 28 36.62 6.06 -4.84
N ASP A 29 37.17 5.79 -6.02
CA ASP A 29 37.19 6.81 -7.08
C ASP A 29 35.76 6.94 -7.61
N LEU A 30 35.25 8.16 -7.70
CA LEU A 30 33.86 8.36 -8.06
C LEU A 30 33.53 7.98 -9.50
N LYS A 31 34.43 7.30 -10.18
CA LYS A 31 34.10 6.67 -11.44
C LYS A 31 33.82 5.20 -11.25
N VAL A 32 33.40 4.93 -10.02
CA VAL A 32 32.64 3.78 -9.62
C VAL A 32 31.21 4.05 -10.01
N VAL A 33 30.98 5.20 -10.62
CA VAL A 33 29.76 5.43 -11.32
C VAL A 33 29.64 4.51 -12.54
N ARG A 34 30.71 4.31 -13.28
CA ARG A 34 30.76 3.44 -14.45
C ARG A 34 30.47 1.99 -14.11
N GLU A 35 31.15 1.41 -13.16
CA GLU A 35 30.87 0.03 -12.87
C GLU A 35 29.61 0.02 -12.10
N SER A 36 29.41 1.21 -11.61
CA SER A 36 28.82 1.58 -10.37
C SER A 36 27.39 1.55 -10.76
N SER A 37 27.17 0.37 -11.28
CA SER A 37 25.97 -0.16 -11.85
C SER A 37 25.43 0.46 -13.03
N GLU A 38 26.22 1.08 -13.86
CA GLU A 38 25.74 1.13 -15.22
C GLU A 38 25.96 -0.25 -15.79
N ALA A 39 27.14 -0.74 -15.52
CA ALA A 39 27.71 -2.01 -15.93
C ALA A 39 27.02 -3.19 -15.22
N ARG A 40 26.94 -3.12 -13.89
CA ARG A 40 26.36 -4.21 -13.11
C ARG A 40 24.86 -4.39 -13.39
N GLN A 41 24.17 -3.32 -13.76
CA GLN A 41 22.73 -3.37 -14.07
C GLN A 41 22.52 -3.92 -15.50
N LEU A 42 23.46 -3.67 -16.41
CA LEU A 42 23.36 -4.25 -17.75
C LEU A 42 23.57 -5.77 -17.63
N ALA A 43 24.50 -6.18 -16.76
CA ALA A 43 24.76 -7.60 -16.54
C ALA A 43 23.57 -8.34 -15.94
N ALA A 44 22.62 -7.58 -15.37
CA ALA A 44 21.43 -8.17 -14.75
C ALA A 44 20.61 -9.08 -15.67
N ASN A 45 20.49 -8.68 -16.94
CA ASN A 45 19.83 -9.48 -17.97
C ASN A 45 18.30 -9.55 -17.80
N ILE A 46 17.73 -8.59 -17.06
CA ILE A 46 16.31 -8.67 -16.67
C ILE A 46 15.37 -8.32 -17.82
N LYS A 47 14.10 -8.71 -17.71
CA LYS A 47 13.14 -8.43 -18.78
C LYS A 47 12.75 -6.95 -18.77
N LEU A 48 12.78 -6.31 -19.94
CA LEU A 48 12.38 -4.91 -20.03
C LEU A 48 11.35 -4.76 -21.15
N PRO A 49 10.32 -3.94 -20.94
CA PRO A 49 9.31 -3.70 -21.98
C PRO A 49 9.78 -2.72 -23.05
N GLU A 50 9.33 -2.91 -24.28
CA GLU A 50 9.80 -2.05 -25.38
C GLU A 50 9.31 -0.63 -25.16
N VAL A 51 10.12 0.34 -25.58
CA VAL A 51 9.83 1.75 -25.33
C VAL A 51 10.42 2.63 -26.46
N ILE A 52 9.91 3.86 -26.61
CA ILE A 52 10.52 4.85 -27.49
C ILE A 52 11.24 5.92 -26.68
N GLU A 53 12.56 5.96 -26.77
CA GLU A 53 13.41 6.83 -25.93
C GLU A 53 14.10 7.93 -26.75
N GLU A 54 14.29 9.11 -26.16
CA GLU A 54 14.90 10.25 -26.86
C GLU A 54 15.62 11.19 -25.90
N ASP A 55 16.84 11.60 -26.23
CA ASP A 55 17.61 12.54 -25.38
C ASP A 55 17.65 13.97 -25.97
N LYS A 56 17.54 14.98 -25.11
CA LYS A 56 17.49 16.39 -25.52
C LYS A 56 18.30 17.29 -24.57
N VAL A 57 18.87 18.37 -25.12
CA VAL A 57 19.67 19.33 -24.37
C VAL A 57 19.11 20.73 -24.55
N VAL A 58 18.68 21.38 -23.48
CA VAL A 58 17.87 22.61 -23.59
C VAL A 58 18.24 23.70 -22.60
N GLU A 59 17.65 24.88 -22.80
CA GLU A 59 17.86 26.03 -21.93
C GLU A 59 16.53 26.49 -21.31
N SER A 60 16.59 26.89 -20.04
CA SER A 60 15.39 27.21 -19.28
C SER A 60 15.71 27.92 -17.97
N ASP A 61 15.09 29.07 -17.75
CA ASP A 61 15.17 29.79 -16.47
C ASP A 61 16.62 30.07 -16.08
N GLY A 62 17.47 30.25 -17.08
CA GLY A 62 18.86 30.56 -16.83
C GLY A 62 19.75 29.35 -16.60
N LYS A 63 19.28 28.16 -16.95
CA LYS A 63 20.14 26.98 -16.83
C LYS A 63 20.13 26.15 -18.09
N THR A 64 21.17 25.32 -18.24
CA THR A 64 21.21 24.34 -19.33
C THR A 64 20.97 22.95 -18.74
N LEU A 65 20.04 22.22 -19.35
CA LEU A 65 19.57 20.95 -18.83
C LEU A 65 19.78 19.81 -19.81
N LYS A 66 19.91 18.61 -19.26
CA LYS A 66 19.87 17.39 -20.07
C LYS A 66 18.69 16.53 -19.64
N LEU A 67 17.87 16.12 -20.61
CA LEU A 67 16.64 15.38 -20.33
C LEU A 67 16.55 14.08 -21.13
N THR A 68 15.86 13.10 -20.59
CA THR A 68 15.54 11.90 -21.35
C THR A 68 14.02 11.76 -21.36
N ILE A 69 13.45 11.59 -22.56
CA ILE A 69 12.01 11.52 -22.73
C ILE A 69 11.60 10.12 -23.16
N VAL A 70 10.71 9.50 -22.39
CA VAL A 70 10.42 8.08 -22.55
C VAL A 70 8.91 7.92 -22.75
N ARG A 71 8.50 7.10 -23.72
CA ARG A 71 7.09 7.01 -24.14
C ARG A 71 6.73 5.56 -24.58
N PRO A 72 5.46 5.14 -24.42
CA PRO A 72 5.18 3.77 -24.89
C PRO A 72 5.00 3.69 -26.42
N PRO A 73 5.25 2.50 -27.01
CA PRO A 73 5.11 2.27 -28.47
C PRO A 73 3.67 2.40 -28.95
N GLY A 74 3.49 3.07 -30.10
CA GLY A 74 2.17 3.23 -30.69
C GLY A 74 1.36 4.38 -30.10
N THR A 75 2.02 5.26 -29.35
CA THR A 75 1.34 6.38 -28.70
C THR A 75 1.90 7.74 -29.13
N GLU A 76 2.79 7.72 -30.13
CA GLU A 76 3.48 8.95 -30.56
C GLU A 76 2.51 10.05 -30.97
N ASP A 77 1.38 9.66 -31.60
CA ASP A 77 0.36 10.61 -32.09
C ASP A 77 -0.74 10.91 -31.06
N GLN A 78 -0.75 10.16 -29.96
CA GLN A 78 -1.70 10.38 -28.88
C GLN A 78 -1.15 11.33 -27.80
N ILE A 79 -2.04 12.17 -27.26
CA ILE A 79 -1.68 13.11 -26.20
C ILE A 79 -1.76 12.45 -24.82
N LEU A 80 -0.65 12.47 -24.09
CA LEU A 80 -0.54 11.74 -22.83
C LEU A 80 -0.34 12.63 -21.62
N PRO A 81 -0.69 12.13 -20.43
CA PRO A 81 -0.24 12.81 -19.20
C PRO A 81 1.28 12.67 -19.02
N VAL A 82 1.87 13.47 -18.12
CA VAL A 82 3.33 13.52 -18.00
C VAL A 82 3.81 13.25 -16.55
N LEU A 83 4.91 12.51 -16.43
CA LEU A 83 5.52 12.17 -15.14
C LEU A 83 6.97 12.66 -15.05
N ILE A 84 7.26 13.53 -14.08
CA ILE A 84 8.63 14.00 -13.83
C ILE A 84 9.33 13.00 -12.91
N PHE A 85 10.39 12.31 -13.40
CA PHE A 85 11.04 11.30 -12.55
C PHE A 85 12.46 11.68 -12.10
N LEU A 86 12.67 11.62 -10.79
CA LEU A 86 13.91 12.06 -10.14
C LEU A 86 14.58 10.88 -9.45
N HIS A 87 15.72 10.44 -9.98
CA HIS A 87 16.36 9.20 -9.50
C HIS A 87 17.15 9.36 -8.20
N GLY A 88 17.29 8.26 -7.47
CA GLY A 88 18.10 8.23 -6.25
C GLY A 88 19.59 7.94 -6.49
N GLY A 89 20.33 7.71 -5.40
CA GLY A 89 21.75 7.47 -5.47
C GLY A 89 22.56 8.31 -4.49
N GLY A 90 21.90 8.82 -3.46
CA GLY A 90 22.57 9.52 -2.38
C GLY A 90 23.01 10.95 -2.72
N PHE A 91 22.52 11.43 -3.86
CA PHE A 91 22.94 12.69 -4.52
C PHE A 91 24.30 12.53 -5.22
N VAL A 92 24.89 11.35 -5.15
CA VAL A 92 26.27 11.12 -5.61
C VAL A 92 26.34 10.21 -6.84
N PHE A 93 25.44 9.23 -6.91
CA PHE A 93 25.39 8.34 -8.06
C PHE A 93 24.03 8.34 -8.77
N GLY A 94 23.91 7.53 -9.81
CA GLY A 94 22.66 7.36 -10.50
C GLY A 94 22.62 7.96 -11.89
N SER A 95 21.84 7.34 -12.77
CA SER A 95 21.69 7.79 -14.15
C SER A 95 20.52 7.02 -14.76
N LYS A 96 20.29 7.20 -16.04
CA LYS A 96 19.18 6.52 -16.68
C LYS A 96 19.46 5.02 -16.84
N TYR A 97 20.71 4.62 -16.70
CA TYR A 97 21.04 3.20 -16.83
C TYR A 97 20.80 2.45 -15.54
N THR A 98 21.06 3.10 -14.40
CA THR A 98 20.87 2.45 -13.09
C THR A 98 19.38 2.28 -12.75
N HIS A 99 18.52 3.18 -13.24
CA HIS A 99 17.11 3.15 -12.87
C HIS A 99 16.20 2.69 -14.02
N ILE A 100 16.78 1.95 -14.96
CA ILE A 100 16.09 1.65 -16.20
C ILE A 100 14.84 0.76 -15.99
N LYS A 101 14.85 -0.09 -14.96
CA LYS A 101 13.72 -1.01 -14.77
C LYS A 101 12.46 -0.30 -14.20
N PRO A 102 12.57 0.44 -13.07
CA PRO A 102 11.33 1.13 -12.63
C PRO A 102 10.81 2.22 -13.58
N VAL A 103 11.70 2.91 -14.31
CA VAL A 103 11.27 3.95 -15.24
C VAL A 103 10.48 3.37 -16.42
N ARG A 104 10.99 2.31 -17.01
CA ARG A 104 10.33 1.68 -18.14
C ARG A 104 9.02 0.99 -17.73
N ASP A 105 8.99 0.40 -16.53
CA ASP A 105 7.76 -0.20 -15.95
C ASP A 105 6.63 0.84 -15.72
N LEU A 106 6.94 1.92 -15.02
CA LEU A 106 5.95 2.99 -14.78
C LEU A 106 5.40 3.58 -16.08
N THR A 107 6.30 3.79 -17.05
CA THR A 107 5.93 4.43 -18.32
C THR A 107 4.88 3.62 -19.09
N VAL A 108 5.13 2.34 -19.35
CA VAL A 108 4.15 1.57 -20.14
C VAL A 108 2.90 1.14 -19.34
N LYS A 109 3.03 0.87 -18.03
CA LYS A 109 1.87 0.45 -17.21
C LYS A 109 0.91 1.61 -16.91
N ALA A 110 1.44 2.82 -16.70
CA ALA A 110 0.57 3.97 -16.46
C ALA A 110 0.14 4.63 -17.78
N ASN A 111 0.87 4.33 -18.85
CA ASN A 111 0.64 4.91 -20.19
C ASN A 111 0.90 6.41 -20.15
N VAL A 112 2.14 6.80 -19.88
CA VAL A 112 2.49 8.22 -19.79
C VAL A 112 3.77 8.58 -20.54
N VAL A 113 4.05 9.88 -20.62
CA VAL A 113 5.36 10.36 -21.04
C VAL A 113 6.22 10.70 -19.81
N THR A 114 7.34 9.98 -19.65
CA THR A 114 8.23 10.19 -18.51
C THR A 114 9.39 11.08 -18.91
N VAL A 115 9.57 12.18 -18.19
CA VAL A 115 10.72 13.05 -18.40
C VAL A 115 11.74 12.79 -17.29
N PHE A 116 12.85 12.16 -17.67
CA PHE A 116 13.91 11.84 -16.72
C PHE A 116 14.91 13.00 -16.66
N VAL A 117 15.02 13.64 -15.49
CA VAL A 117 15.90 14.80 -15.34
C VAL A 117 17.28 14.41 -14.81
N ASP A 118 18.29 14.54 -15.69
CA ASP A 118 19.66 14.18 -15.35
C ASP A 118 20.33 15.36 -14.62
N TYR A 119 20.00 15.50 -13.34
CA TYR A 119 20.41 16.66 -12.56
C TYR A 119 21.89 16.60 -12.20
N SER A 120 22.43 17.72 -11.74
CA SER A 120 23.87 17.77 -11.40
C SER A 120 24.14 17.05 -10.09
N LEU A 121 25.09 16.12 -10.10
CA LEU A 121 25.40 15.29 -8.93
C LEU A 121 26.41 15.95 -7.96
N SER A 122 26.35 15.54 -6.69
CA SER A 122 27.31 15.95 -5.66
C SER A 122 28.49 14.96 -5.60
N PRO A 123 29.67 15.40 -5.12
CA PRO A 123 30.00 16.69 -4.49
C PRO A 123 30.43 17.79 -5.45
N GLU A 124 30.43 17.54 -6.76
CA GLU A 124 30.78 18.58 -7.74
C GLU A 124 29.82 19.76 -7.71
N ALA A 125 28.55 19.46 -7.44
CA ALA A 125 27.53 20.47 -7.21
C ALA A 125 26.96 20.23 -5.82
N LYS A 126 26.43 21.28 -5.19
CA LYS A 126 25.82 21.14 -3.86
C LYS A 126 24.44 21.79 -3.78
N PHE A 127 23.78 21.60 -2.64
CA PHE A 127 22.49 22.24 -2.36
C PHE A 127 22.62 23.73 -2.60
N PRO A 128 21.67 24.34 -3.34
CA PRO A 128 20.44 23.75 -3.88
C PRO A 128 20.37 23.67 -5.41
N THR A 129 21.49 23.37 -6.08
CA THR A 129 21.54 23.42 -7.53
C THR A 129 20.50 22.52 -8.21
N ALA A 130 20.42 21.26 -7.78
CA ALA A 130 19.50 20.29 -8.40
C ALA A 130 18.03 20.70 -8.25
N ILE A 131 17.64 21.23 -7.10
CA ILE A 131 16.26 21.69 -6.91
C ILE A 131 15.91 22.75 -7.94
N GLU A 132 16.88 23.63 -8.19
CA GLU A 132 16.69 24.72 -9.15
C GLU A 132 16.67 24.20 -10.59
N GLU A 133 17.43 23.15 -10.88
CA GLU A 133 17.36 22.54 -12.20
C GLU A 133 16.01 21.88 -12.42
N ILE A 134 15.48 21.25 -11.38
CA ILE A 134 14.27 20.47 -11.57
C ILE A 134 13.09 21.44 -11.73
N TYR A 135 13.15 22.57 -11.02
CA TYR A 135 12.15 23.60 -11.22
C TYR A 135 12.20 24.13 -12.66
N ALA A 136 13.42 24.34 -13.17
CA ALA A 136 13.58 24.84 -14.52
C ALA A 136 13.13 23.83 -15.58
N ALA A 137 13.28 22.55 -15.31
CA ALA A 137 12.83 21.55 -16.26
C ALA A 137 11.30 21.51 -16.30
N ILE A 138 10.67 21.66 -15.15
CA ILE A 138 9.21 21.71 -15.09
C ILE A 138 8.67 22.87 -15.93
N LEU A 139 9.34 24.03 -15.86
CA LEU A 139 8.95 25.19 -16.65
C LEU A 139 9.07 24.92 -18.14
N TRP A 140 10.08 24.14 -18.51
CA TRP A 140 10.32 23.84 -19.92
C TRP A 140 9.24 22.92 -20.50
N VAL A 141 8.86 21.93 -19.72
CA VAL A 141 7.83 20.98 -20.12
C VAL A 141 6.49 21.67 -20.36
N ARG A 142 6.17 22.65 -19.52
CA ARG A 142 4.95 23.45 -19.70
C ARG A 142 5.00 24.30 -20.96
N GLU A 143 6.19 24.75 -21.33
CA GLU A 143 6.37 25.59 -22.52
C GLU A 143 6.33 24.82 -23.84
N ASN A 144 6.64 23.53 -23.79
CA ASN A 144 6.77 22.74 -25.01
C ASN A 144 5.85 21.52 -25.07
N ALA A 145 4.65 21.64 -24.50
CA ALA A 145 3.72 20.50 -24.43
C ALA A 145 3.25 20.06 -25.80
N SER A 146 3.06 21.02 -26.69
CA SER A 146 2.58 20.73 -28.03
C SER A 146 3.61 19.98 -28.88
N SER A 147 4.89 20.23 -28.63
CA SER A 147 5.96 19.54 -29.34
C SER A 147 6.29 18.20 -28.67
N LEU A 148 5.87 18.03 -27.41
CA LEU A 148 6.04 16.77 -26.68
C LEU A 148 4.78 15.89 -26.73
N ASN A 149 3.70 16.46 -27.26
CA ASN A 149 2.40 15.76 -27.32
C ASN A 149 1.90 15.29 -25.93
N ILE A 150 1.88 16.22 -24.97
CA ILE A 150 1.40 15.93 -23.62
C ILE A 150 0.38 16.95 -23.14
N ASN A 151 -0.47 16.54 -22.19
CA ASN A 151 -1.32 17.47 -21.46
C ASN A 151 -0.55 17.97 -20.26
N ALA A 152 0.01 19.17 -20.37
CA ALA A 152 0.93 19.65 -19.35
C ALA A 152 0.24 19.93 -18.02
N GLU A 153 -1.08 20.05 -18.02
CA GLU A 153 -1.79 20.24 -16.75
C GLU A 153 -1.81 18.94 -15.91
N ALA A 154 -1.85 17.78 -16.57
CA ALA A 154 -1.83 16.49 -15.86
C ALA A 154 -0.38 16.07 -15.57
N LEU A 155 0.18 16.59 -14.48
CA LEU A 155 1.60 16.48 -14.20
C LEU A 155 1.85 15.97 -12.79
N ALA A 156 2.84 15.08 -12.66
CA ALA A 156 3.20 14.48 -11.38
C ALA A 156 4.73 14.47 -11.19
N VAL A 157 5.21 14.50 -9.95
CA VAL A 157 6.64 14.28 -9.74
C VAL A 157 6.81 13.06 -8.83
N ALA A 158 7.78 12.22 -9.14
CA ALA A 158 8.05 11.00 -8.38
C ALA A 158 9.55 10.67 -8.32
N GLY A 159 10.01 10.13 -7.19
CA GLY A 159 11.40 9.72 -7.04
C GLY A 159 11.70 8.77 -5.86
N ASP A 160 12.86 8.10 -5.93
CA ASP A 160 13.35 7.20 -4.87
C ASP A 160 14.51 7.78 -4.04
N SER A 161 14.53 7.48 -2.73
CA SER A 161 15.62 7.90 -1.84
C SER A 161 15.88 9.40 -1.95
N ALA A 162 17.07 9.75 -2.44
CA ALA A 162 17.41 11.16 -2.66
C ALA A 162 16.51 11.83 -3.70
N GLY A 163 15.95 11.05 -4.63
CA GLY A 163 15.00 11.58 -5.58
C GLY A 163 13.66 11.88 -4.92
N ALA A 164 13.34 11.13 -3.87
CA ALA A 164 12.13 11.38 -3.10
C ALA A 164 12.26 12.69 -2.31
N THR A 165 13.44 12.91 -1.76
CA THR A 165 13.73 14.17 -1.08
C THR A 165 13.59 15.36 -2.07
N LEU A 166 14.13 15.22 -3.28
CA LEU A 166 13.99 16.28 -4.28
C LEU A 166 12.53 16.51 -4.74
N SER A 167 11.75 15.44 -4.90
CA SER A 167 10.33 15.61 -5.24
C SER A 167 9.61 16.47 -4.21
N ALA A 168 9.90 16.22 -2.94
CA ALA A 168 9.23 16.93 -1.87
C ALA A 168 9.66 18.41 -1.76
N ALA A 169 10.96 18.68 -1.88
CA ALA A 169 11.46 20.06 -1.83
C ALA A 169 11.06 20.93 -3.05
N VAL A 170 11.12 20.38 -4.25
CA VAL A 170 10.74 21.19 -5.41
C VAL A 170 9.22 21.44 -5.38
N SER A 171 8.46 20.64 -4.63
CA SER A 171 7.04 20.97 -4.49
C SER A 171 6.86 22.24 -3.64
N ILE A 172 7.73 22.41 -2.65
CA ILE A 172 7.65 23.60 -1.78
C ILE A 172 8.23 24.82 -2.51
N TYR A 173 9.38 24.62 -3.15
CA TYR A 173 10.04 25.66 -3.95
C TYR A 173 9.11 26.25 -5.01
N ALA A 174 8.40 25.40 -5.76
CA ALA A 174 7.53 25.86 -6.83
C ALA A 174 6.39 26.73 -6.28
N LYS A 175 5.91 26.36 -5.10
CA LYS A 175 4.85 27.12 -4.44
C LYS A 175 5.33 28.52 -4.02
N GLU A 176 6.58 28.62 -3.57
CA GLU A 176 7.15 29.89 -3.09
C GLU A 176 7.44 30.84 -4.26
N LYS A 177 7.45 30.29 -5.47
CA LYS A 177 7.69 31.04 -6.71
C LYS A 177 6.41 31.49 -7.40
N GLY A 178 5.27 31.13 -6.85
CA GLY A 178 3.99 31.48 -7.44
C GLY A 178 3.46 30.46 -8.44
N LEU A 179 3.99 29.24 -8.40
CA LEU A 179 3.54 28.19 -9.29
C LEU A 179 2.84 27.06 -8.53
N SER A 180 1.83 27.40 -7.73
CA SER A 180 1.31 26.45 -6.75
C SER A 180 0.33 25.43 -7.30
N ALA A 181 -0.08 25.62 -8.55
CA ALA A 181 -1.08 24.74 -9.14
C ALA A 181 -0.47 23.82 -10.19
N ALA A 182 0.83 23.93 -10.42
CA ALA A 182 1.50 23.19 -11.49
C ALA A 182 1.55 21.67 -11.25
N ILE A 183 2.00 21.26 -10.07
CA ILE A 183 2.15 19.85 -9.73
C ILE A 183 0.88 19.25 -9.11
N LYS A 184 0.30 18.24 -9.76
CA LYS A 184 -0.97 17.66 -9.26
C LYS A 184 -0.81 16.54 -8.20
N THR A 185 0.39 15.95 -8.09
CA THR A 185 0.66 14.96 -7.03
C THR A 185 2.18 14.74 -6.86
N GLN A 186 2.60 14.39 -5.64
CA GLN A 186 3.99 14.04 -5.34
C GLN A 186 4.05 12.57 -4.85
N VAL A 187 4.94 11.77 -5.43
CA VAL A 187 5.13 10.36 -5.04
C VAL A 187 6.51 10.20 -4.40
N LEU A 188 6.54 9.83 -3.12
CA LEU A 188 7.77 9.88 -2.33
C LEU A 188 8.17 8.49 -1.83
N ILE A 189 9.19 7.88 -2.44
CA ILE A 189 9.59 6.50 -2.11
C ILE A 189 10.83 6.49 -1.18
N TYR A 190 10.61 6.11 0.08
CA TYR A 190 11.61 6.21 1.17
C TYR A 190 12.54 7.46 1.12
N PRO A 191 11.98 8.67 1.38
CA PRO A 191 12.78 9.90 1.42
C PRO A 191 13.66 10.06 2.66
N ALA A 192 14.62 10.97 2.59
CA ALA A 192 15.43 11.40 3.74
C ALA A 192 14.97 12.79 4.15
N THR A 193 14.77 13.02 5.46
CA THR A 193 14.21 14.30 5.92
C THR A 193 14.89 15.00 7.12
N ALA A 194 15.70 14.28 7.91
CA ALA A 194 16.12 14.75 9.24
C ALA A 194 17.38 15.65 9.32
N VAL A 195 17.34 16.65 10.20
CA VAL A 195 18.56 17.37 10.58
C VAL A 195 19.50 16.44 11.30
N SER A 196 18.95 15.70 12.27
CA SER A 196 19.70 14.72 13.03
C SER A 196 18.97 13.36 13.02
N HIS A 197 19.64 12.32 12.51
CA HIS A 197 19.01 11.02 12.33
C HIS A 197 18.94 10.19 13.61
N ALA A 198 19.87 10.42 14.54
CA ALA A 198 20.00 9.60 15.76
C ALA A 198 18.86 9.82 16.74
N LYS A 199 18.02 10.80 16.46
CA LYS A 199 16.80 11.03 17.22
C LYS A 199 15.79 9.87 17.07
N TYR A 200 15.88 9.14 15.96
CA TYR A 200 14.87 8.12 15.67
C TYR A 200 15.35 6.69 15.92
N GLU A 201 14.44 5.86 16.43
CA GLU A 201 14.76 4.49 16.85
C GLU A 201 15.27 3.64 15.68
N SER A 202 14.75 3.87 14.47
CA SER A 202 15.17 3.05 13.33
C SER A 202 16.64 3.28 12.93
N TYR A 203 17.19 4.45 13.25
CA TYR A 203 18.61 4.74 13.03
C TYR A 203 19.47 3.78 13.83
N LYS A 204 19.10 3.60 15.09
CA LYS A 204 19.79 2.71 15.99
C LYS A 204 19.65 1.24 15.57
N LEU A 205 18.42 0.80 15.26
CA LEU A 205 18.17 -0.61 14.93
C LEU A 205 18.85 -1.11 13.65
N PHE A 206 18.95 -0.27 12.62
CA PHE A 206 19.40 -0.73 11.29
C PHE A 206 20.64 0.02 10.78
N GLY A 207 21.32 0.77 11.64
CA GLY A 207 22.41 1.61 11.18
C GLY A 207 23.83 1.13 11.45
N ASN A 208 23.98 -0.09 11.98
CA ASN A 208 25.28 -0.56 12.46
C ASN A 208 26.17 -1.22 11.40
N GLY A 209 25.72 -1.23 10.15
CA GLY A 209 26.52 -1.80 9.08
C GLY A 209 26.08 -3.20 8.68
N ASP A 210 24.99 -3.72 9.26
CA ASP A 210 24.53 -5.04 8.85
C ASP A 210 23.30 -4.95 7.92
N TYR A 211 22.93 -3.74 7.54
CA TYR A 211 21.89 -3.54 6.50
C TYR A 211 22.43 -2.63 5.39
N ILE A 212 21.80 -2.66 4.22
CA ILE A 212 22.37 -2.03 3.03
C ILE A 212 22.68 -0.52 3.17
N LEU A 213 21.90 0.25 3.92
CA LEU A 213 22.27 1.66 4.13
C LEU A 213 22.65 1.96 5.59
N SER A 214 23.95 2.12 5.86
CA SER A 214 24.48 2.31 7.22
C SER A 214 24.54 3.78 7.71
N ALA A 215 24.66 3.95 9.02
CA ALA A 215 24.87 5.29 9.57
C ALA A 215 26.15 5.93 9.00
N GLU A 216 27.14 5.07 8.70
CA GLU A 216 28.41 5.49 8.09
C GLU A 216 28.24 5.95 6.63
N ASP A 217 27.40 5.24 5.87
CA ASP A 217 27.10 5.63 4.50
C ASP A 217 26.42 7.00 4.50
N LEU A 218 25.47 7.19 5.42
CA LEU A 218 24.71 8.43 5.51
C LEU A 218 25.58 9.66 5.75
N LYS A 219 26.61 9.50 6.57
CA LYS A 219 27.48 10.62 6.92
C LYS A 219 28.27 11.05 5.69
N PHE A 220 28.64 10.09 4.84
CA PHE A 220 29.33 10.42 3.60
C PHE A 220 28.44 11.23 2.64
N PHE A 221 27.19 10.82 2.46
CA PHE A 221 26.30 11.51 1.49
C PHE A 221 25.93 12.93 1.94
N SER A 222 25.75 13.13 3.24
CA SER A 222 25.40 14.44 3.77
C SER A 222 26.54 15.44 3.54
N ASN A 223 27.77 14.96 3.75
CA ASN A 223 28.93 15.82 3.56
C ASN A 223 29.14 16.14 2.09
N ALA A 224 28.77 15.22 1.20
CA ALA A 224 28.92 15.47 -0.22
C ALA A 224 27.88 16.49 -0.71
N TYR A 225 26.66 16.38 -0.20
CA TYR A 225 25.53 17.18 -0.68
C TYR A 225 25.47 18.60 -0.07
N LEU A 226 25.70 18.71 1.25
CA LEU A 226 25.51 19.98 1.96
C LEU A 226 26.76 20.89 1.94
N PRO A 227 26.54 22.20 1.76
CA PRO A 227 27.65 23.17 1.75
C PRO A 227 28.08 23.59 3.15
N ALA A 228 27.30 23.19 4.16
CA ALA A 228 27.59 23.45 5.56
C ALA A 228 26.85 22.38 6.40
N PRO A 229 27.10 22.31 7.72
CA PRO A 229 26.32 21.32 8.49
C PRO A 229 24.85 21.68 8.60
N ALA A 230 24.00 20.66 8.60
CA ALA A 230 22.55 20.85 8.56
C ALA A 230 22.05 21.70 9.69
N SER A 231 22.66 21.54 10.87
CA SER A 231 22.23 22.30 12.02
C SER A 231 22.56 23.81 11.90
N GLU A 232 23.62 24.13 11.16
CA GLU A 232 23.97 25.52 10.85
C GLU A 232 23.22 26.03 9.63
N LEU A 233 22.91 25.13 8.71
CA LEU A 233 22.21 25.50 7.48
C LEU A 233 20.77 25.97 7.77
N ASN A 234 20.05 25.22 8.61
CA ASN A 234 18.72 25.63 9.08
C ASN A 234 17.75 25.95 7.93
N ASP A 235 17.73 25.10 6.90
CA ASP A 235 16.93 25.34 5.69
C ASP A 235 16.05 24.12 5.37
N LYS A 236 14.72 24.29 5.41
CA LYS A 236 13.79 23.15 5.22
C LYS A 236 13.91 22.49 3.84
N LEU A 237 14.33 23.25 2.83
CA LEU A 237 14.48 22.68 1.50
C LEU A 237 15.67 21.70 1.48
N ALA A 238 16.58 21.87 2.44
CA ALA A 238 17.68 20.92 2.60
C ALA A 238 17.26 19.77 3.49
N THR A 239 16.69 20.10 4.64
CA THR A 239 16.24 19.09 5.58
C THR A 239 14.76 19.31 5.89
N LEU A 240 13.93 18.60 5.12
CA LEU A 240 12.47 18.65 5.14
C LEU A 240 11.84 18.62 6.56
N GLU A 241 12.49 17.95 7.49
CA GLU A 241 11.97 17.85 8.86
C GLU A 241 11.71 19.22 9.51
N LEU A 242 12.40 20.26 9.04
CA LEU A 242 12.27 21.61 9.60
C LEU A 242 11.04 22.37 9.13
N ALA A 243 10.31 21.82 8.16
CA ALA A 243 9.19 22.53 7.57
C ALA A 243 8.11 22.87 8.59
N THR A 244 7.59 24.10 8.51
CA THR A 244 6.49 24.54 9.36
C THR A 244 5.16 24.10 8.79
N LYS A 245 4.11 24.22 9.61
CA LYS A 245 2.75 23.99 9.16
C LYS A 245 2.40 24.95 8.01
N ALA A 246 2.92 26.17 8.08
CA ALA A 246 2.73 27.18 7.03
C ALA A 246 3.46 26.84 5.74
N ASP A 247 4.68 26.33 5.88
CA ASP A 247 5.46 25.88 4.73
C ASP A 247 4.71 24.81 3.92
N LEU A 248 3.96 23.94 4.60
CA LEU A 248 3.38 22.75 3.99
C LEU A 248 1.94 22.92 3.50
N GLU A 249 1.27 23.96 3.98
CA GLU A 249 -0.13 24.23 3.60
C GLU A 249 -0.29 24.44 2.09
N GLY A 250 -1.31 23.83 1.49
CA GLY A 250 -1.58 23.99 0.07
C GLY A 250 -0.72 23.14 -0.87
N LEU A 251 0.05 22.20 -0.30
CA LEU A 251 0.90 21.34 -1.13
C LEU A 251 0.02 20.31 -1.83
N PRO A 252 0.53 19.71 -2.93
CA PRO A 252 -0.24 18.73 -3.70
C PRO A 252 -0.35 17.38 -3.00
N PRO A 253 -1.44 16.64 -3.23
CA PRO A 253 -1.72 15.33 -2.60
C PRO A 253 -0.53 14.38 -2.69
N ALA A 254 -0.26 13.65 -1.61
CA ALA A 254 0.98 12.89 -1.50
C ALA A 254 0.72 11.40 -1.40
N LEU A 255 1.65 10.60 -1.96
CA LEU A 255 1.69 9.15 -1.72
C LEU A 255 3.09 8.84 -1.18
N LEU A 256 3.17 8.28 0.02
CA LEU A 256 4.49 8.02 0.62
C LEU A 256 4.71 6.55 1.00
N PHE A 257 5.86 6.01 0.60
CA PHE A 257 6.27 4.65 0.97
C PHE A 257 7.43 4.71 1.92
N THR A 258 7.40 3.82 2.91
CA THR A 258 8.48 3.68 3.86
C THR A 258 8.91 2.20 3.89
N ALA A 259 10.17 1.91 4.20
CA ALA A 259 10.62 0.51 4.28
C ALA A 259 10.83 0.06 5.73
N GLU A 260 10.37 -1.16 6.05
CA GLU A 260 10.40 -1.63 7.44
C GLU A 260 11.80 -1.68 8.05
N SER A 261 12.77 -2.21 7.31
CA SER A 261 14.14 -2.32 7.83
C SER A 261 15.04 -1.28 7.16
N ASP A 262 14.96 -0.05 7.65
CA ASP A 262 15.58 1.10 6.99
C ASP A 262 15.77 2.22 8.02
N VAL A 263 16.99 2.71 8.17
CA VAL A 263 17.29 3.79 9.14
C VAL A 263 16.43 5.03 8.94
N LEU A 264 16.06 5.33 7.69
CA LEU A 264 15.24 6.50 7.35
C LEU A 264 13.73 6.29 7.56
N ARG A 265 13.35 5.14 8.11
CA ARG A 265 11.94 4.77 8.19
C ARG A 265 11.07 5.75 8.97
N ASP A 266 11.48 6.01 10.20
CA ASP A 266 10.64 6.75 11.14
C ASP A 266 10.59 8.23 10.78
N GLU A 267 11.65 8.76 10.20
CA GLU A 267 11.64 10.16 9.82
C GLU A 267 10.80 10.33 8.56
N GLY A 268 10.73 9.28 7.75
CA GLY A 268 9.81 9.30 6.64
C GLY A 268 8.37 9.31 7.14
N GLU A 269 8.07 8.49 8.15
CA GLU A 269 6.69 8.42 8.64
C GLU A 269 6.33 9.72 9.38
N LYS A 270 7.33 10.39 9.94
CA LYS A 270 7.06 11.65 10.64
C LYS A 270 6.69 12.74 9.64
N TYR A 271 7.31 12.75 8.47
CA TYR A 271 6.96 13.75 7.45
C TYR A 271 5.53 13.54 6.93
N ALA A 272 5.11 12.29 6.82
CA ALA A 272 3.71 12.00 6.45
C ALA A 272 2.75 12.65 7.44
N GLN A 273 3.07 12.55 8.73
CA GLN A 273 2.28 13.13 9.79
C GLN A 273 2.23 14.66 9.69
N GLN A 274 3.37 15.26 9.35
CA GLN A 274 3.50 16.73 9.17
C GLN A 274 2.62 17.24 8.04
N LEU A 275 2.61 16.50 6.93
CA LEU A 275 1.77 16.88 5.79
C LEU A 275 0.29 16.81 6.17
N ALA A 276 -0.11 15.78 6.89
CA ALA A 276 -1.53 15.67 7.26
C ALA A 276 -1.98 16.75 8.25
N GLU A 277 -1.10 17.14 9.16
CA GLU A 277 -1.40 18.22 10.10
C GLU A 277 -1.66 19.55 9.37
N ALA A 278 -1.00 19.74 8.23
CA ALA A 278 -1.13 20.97 7.47
C ALA A 278 -2.31 20.90 6.51
N GLY A 279 -3.06 19.80 6.55
CA GLY A 279 -4.27 19.72 5.75
C GLY A 279 -4.11 19.09 4.37
N VAL A 280 -2.93 18.57 4.10
CA VAL A 280 -2.62 17.94 2.81
C VAL A 280 -3.15 16.50 2.77
N ASP A 281 -3.74 16.11 1.64
CA ASP A 281 -4.14 14.72 1.39
C ASP A 281 -2.94 13.76 1.33
N VAL A 282 -2.84 12.84 2.28
CA VAL A 282 -1.70 11.92 2.36
C VAL A 282 -2.12 10.45 2.52
N ALA A 283 -1.64 9.60 1.63
CA ALA A 283 -1.71 8.14 1.79
C ALA A 283 -0.29 7.64 2.03
N ALA A 284 -0.07 7.04 3.20
CA ALA A 284 1.27 6.61 3.60
C ALA A 284 1.22 5.18 4.13
N VAL A 285 2.17 4.34 3.72
CA VAL A 285 2.27 2.95 4.18
C VAL A 285 3.70 2.55 4.52
N ARG A 286 3.84 1.65 5.52
CA ARG A 286 5.13 0.98 5.82
C ARG A 286 5.12 -0.41 5.14
N VAL A 287 6.13 -0.68 4.31
CA VAL A 287 6.20 -1.97 3.57
C VAL A 287 6.96 -3.04 4.36
N LEU A 288 6.27 -4.13 4.69
CA LEU A 288 6.88 -5.20 5.50
C LEU A 288 7.84 -6.10 4.72
N GLY A 289 8.98 -6.42 5.34
CA GLY A 289 9.98 -7.29 4.77
C GLY A 289 11.02 -6.62 3.87
N ALA A 290 10.92 -5.30 3.69
CA ALA A 290 11.77 -4.60 2.72
C ALA A 290 12.89 -3.79 3.36
N VAL A 291 13.91 -3.50 2.57
CA VAL A 291 15.05 -2.72 3.02
C VAL A 291 15.12 -1.46 2.16
N HIS A 292 15.96 -0.50 2.55
CA HIS A 292 16.15 0.73 1.76
C HIS A 292 16.61 0.45 0.32
N GLY A 293 16.08 1.24 -0.62
CA GLY A 293 16.48 1.18 -2.03
C GLY A 293 15.85 0.09 -2.90
N PHE A 294 14.84 -0.61 -2.39
CA PHE A 294 14.42 -1.87 -3.04
C PHE A 294 13.84 -1.70 -4.44
N ILE A 295 13.45 -0.49 -4.81
CA ILE A 295 12.84 -0.31 -6.11
C ILE A 295 13.83 -0.55 -7.25
N THR A 296 15.14 -0.45 -6.98
CA THR A 296 16.17 -0.70 -8.02
C THR A 296 16.83 -2.08 -7.96
N VAL A 297 16.27 -2.99 -7.17
CA VAL A 297 16.77 -4.38 -7.09
C VAL A 297 16.20 -5.23 -8.23
N PRO A 298 17.10 -5.80 -9.06
CA PRO A 298 16.78 -6.47 -10.34
C PRO A 298 15.88 -7.69 -10.22
N VAL A 299 16.10 -8.51 -9.19
CA VAL A 299 15.31 -9.71 -9.02
C VAL A 299 13.98 -9.39 -8.36
N GLU A 300 12.90 -9.66 -9.08
CA GLU A 300 11.54 -9.32 -8.64
C GLU A 300 11.12 -9.99 -7.30
N THR A 301 10.47 -9.20 -6.45
CA THR A 301 9.94 -9.67 -5.16
C THR A 301 8.48 -9.26 -5.05
N PRO A 302 7.71 -9.90 -4.16
CA PRO A 302 6.31 -9.47 -4.04
C PRO A 302 6.15 -8.00 -3.69
N GLN A 303 7.10 -7.40 -2.97
CA GLN A 303 6.98 -5.99 -2.64
C GLN A 303 7.40 -5.07 -3.80
N TYR A 304 8.30 -5.52 -4.69
CA TYR A 304 8.59 -4.71 -5.89
C TYR A 304 7.33 -4.62 -6.76
N ARG A 305 6.66 -5.75 -6.97
CA ARG A 305 5.45 -5.79 -7.79
C ARG A 305 4.28 -4.95 -7.17
N PHE A 306 4.05 -5.12 -5.87
CA PHE A 306 3.03 -4.34 -5.16
C PHE A 306 3.28 -2.83 -5.35
N THR A 307 4.53 -2.41 -5.17
CA THR A 307 4.82 -0.99 -5.13
C THR A 307 4.64 -0.37 -6.51
N ILE A 308 5.10 -1.06 -7.55
CA ILE A 308 4.87 -0.56 -8.93
C ILE A 308 3.36 -0.46 -9.24
N ASN A 309 2.61 -1.55 -9.05
CA ASN A 309 1.17 -1.52 -9.33
C ASN A 309 0.40 -0.47 -8.53
N THR A 310 0.80 -0.24 -7.28
CA THR A 310 0.09 0.68 -6.38
C THR A 310 0.33 2.14 -6.78
N ILE A 311 1.56 2.48 -7.15
CA ILE A 311 1.87 3.78 -7.74
C ILE A 311 1.07 4.00 -9.04
N VAL A 312 1.06 3.00 -9.91
CA VAL A 312 0.35 3.15 -11.18
C VAL A 312 -1.14 3.47 -10.97
N ALA A 313 -1.77 2.80 -10.01
CA ALA A 313 -3.19 3.04 -9.75
C ALA A 313 -3.46 4.42 -9.16
N HIS A 314 -2.52 4.93 -8.36
CA HIS A 314 -2.62 6.27 -7.77
C HIS A 314 -2.47 7.36 -8.82
N LEU A 315 -1.51 7.17 -9.72
CA LEU A 315 -1.31 8.12 -10.81
C LEU A 315 -2.53 8.18 -11.72
N ARG A 316 -3.12 7.04 -12.05
CA ARG A 316 -4.27 7.02 -12.95
C ARG A 316 -5.52 7.59 -12.29
N ASP A 317 -5.61 7.48 -10.96
CA ASP A 317 -6.70 8.11 -10.19
C ASP A 317 -6.61 9.64 -10.23
N ILE A 318 -5.39 10.16 -10.05
CA ILE A 318 -5.13 11.61 -10.08
C ILE A 318 -5.33 12.23 -11.47
N TYR A 319 -4.75 11.57 -12.47
CA TYR A 319 -4.80 12.06 -13.85
C TYR A 319 -6.24 12.14 -14.39
N ALA A 320 -7.11 11.21 -13.96
CA ALA A 320 -8.47 11.14 -14.49
C ALA A 320 -9.29 12.40 -14.13
N LYS A 321 -8.89 13.13 -13.09
CA LYS A 321 -9.57 14.39 -12.69
C LYS A 321 -9.27 15.55 -13.65
N TYR A 322 -8.38 15.34 -14.62
CA TYR A 322 -7.88 16.43 -15.47
C TYR A 322 -8.03 16.11 -16.95
N ASN A 323 -8.92 15.17 -17.27
CA ASN A 323 -9.09 14.81 -18.68
C ASN A 323 -10.53 15.07 -19.14
N GLY B 4 1.90 4.46 21.22
CA GLY B 4 0.55 4.53 21.78
C GLY B 4 -0.13 5.84 21.46
N ASN B 5 0.59 6.69 20.74
CA ASN B 5 0.19 8.07 20.54
C ASN B 5 0.43 8.75 19.17
N PRO B 6 0.55 7.97 18.05
CA PRO B 6 0.56 8.78 16.83
C PRO B 6 -0.81 9.41 16.50
N PRO B 7 -0.80 10.44 15.65
CA PRO B 7 -2.04 11.06 15.12
C PRO B 7 -2.94 10.09 14.36
N ILE B 8 -4.25 10.32 14.43
CA ILE B 8 -5.22 9.64 13.57
C ILE B 8 -5.95 10.71 12.74
N HIS B 9 -6.56 10.33 11.63
CA HIS B 9 -7.30 11.27 10.78
C HIS B 9 -8.51 11.84 11.53
N PRO B 10 -8.74 13.16 11.41
CA PRO B 10 -9.84 13.85 12.12
C PRO B 10 -11.18 13.13 11.95
N VAL B 11 -11.40 12.55 10.77
CA VAL B 11 -12.62 11.79 10.49
C VAL B 11 -12.76 10.56 11.40
N TYR B 12 -11.65 9.87 11.70
CA TYR B 12 -11.71 8.68 12.54
C TYR B 12 -11.91 9.02 14.00
N ALA B 13 -11.34 10.14 14.44
CA ALA B 13 -11.55 10.61 15.81
C ALA B 13 -13.04 10.96 16.02
N ALA B 14 -13.63 11.58 15.01
CA ALA B 14 -15.05 11.95 15.05
C ALA B 14 -15.94 10.70 15.09
N ALA B 15 -15.53 9.67 14.36
CA ALA B 15 -16.30 8.44 14.33
C ALA B 15 -16.23 7.72 15.68
N PHE B 16 -15.08 7.78 16.34
CA PHE B 16 -14.95 7.13 17.65
C PHE B 16 -15.80 7.79 18.72
N ALA B 17 -15.83 9.11 18.78
CA ALA B 17 -16.60 9.82 19.81
C ALA B 17 -18.09 9.54 19.65
N ALA B 18 -18.56 9.52 18.41
CA ALA B 18 -19.96 9.18 18.15
C ALA B 18 -20.28 7.74 18.59
N MET B 19 -19.36 6.81 18.39
CA MET B 19 -19.63 5.43 18.76
C MET B 19 -19.45 5.20 20.27
N LYS B 20 -18.49 5.91 20.86
CA LYS B 20 -18.16 5.75 22.28
C LYS B 20 -19.26 6.29 23.20
N GLU B 21 -20.04 7.24 22.70
CA GLU B 21 -21.11 7.85 23.49
C GLU B 21 -22.32 6.94 23.60
N ARG B 22 -22.45 6.04 22.64
CA ARG B 22 -23.61 5.14 22.57
C ARG B 22 -23.50 4.08 23.68
N PRO B 23 -24.63 3.46 24.04
CA PRO B 23 -24.51 2.40 25.05
C PRO B 23 -23.56 1.27 24.60
N PRO B 24 -22.92 0.58 25.58
CA PRO B 24 -21.94 -0.50 25.34
C PRO B 24 -22.55 -1.78 24.75
N ILE B 25 -21.72 -2.75 24.36
CA ILE B 25 -22.21 -3.86 23.55
C ILE B 25 -22.88 -4.94 24.39
N HIS B 26 -22.22 -5.34 25.47
CA HIS B 26 -22.73 -6.45 26.28
C HIS B 26 -24.01 -6.09 27.01
N THR B 27 -24.45 -4.83 26.85
CA THR B 27 -25.71 -4.37 27.41
C THR B 27 -26.71 -4.04 26.30
N LEU B 28 -26.87 -4.95 25.35
CA LEU B 28 -27.81 -4.73 24.25
C LEU B 28 -28.49 -6.01 23.80
N ASP B 29 -29.76 -5.88 23.41
CA ASP B 29 -30.48 -6.96 22.76
C ASP B 29 -29.92 -7.13 21.35
N LEU B 30 -29.60 -8.36 20.97
CA LEU B 30 -28.93 -8.59 19.68
C LEU B 30 -29.81 -8.27 18.47
N LYS B 31 -31.04 -7.84 18.70
CA LYS B 31 -31.78 -7.15 17.66
C LYS B 31 -31.45 -5.67 17.73
N VAL B 32 -30.21 -5.41 18.13
CA VAL B 32 -29.51 -4.18 17.88
C VAL B 32 -29.00 -4.29 16.45
N VAL B 33 -29.33 -5.40 15.80
CA VAL B 33 -28.93 -5.66 14.42
C VAL B 33 -29.64 -4.75 13.43
N ARG B 34 -30.92 -4.46 13.68
CA ARG B 34 -31.68 -3.59 12.80
C ARG B 34 -31.11 -2.17 12.79
N GLU B 35 -30.82 -1.63 13.98
CA GLU B 35 -30.25 -0.27 14.10
C GLU B 35 -28.75 -0.23 13.76
N SER B 36 -28.03 -1.30 14.06
CA SER B 36 -26.57 -1.31 13.93
C SER B 36 -26.15 -1.22 12.47
N SER B 37 -26.31 -0.02 11.91
CA SER B 37 -25.80 0.32 10.60
C SER B 37 -26.51 -0.44 9.47
N GLU B 38 -27.74 -0.87 9.72
CA GLU B 38 -28.63 -1.11 8.59
C GLU B 38 -29.37 0.21 8.42
N ALA B 39 -29.90 0.69 9.54
CA ALA B 39 -30.53 1.99 9.58
C ALA B 39 -29.46 3.08 9.61
N ARG B 40 -28.52 2.98 10.55
CA ARG B 40 -27.53 4.06 10.74
C ARG B 40 -26.61 4.25 9.52
N GLN B 41 -26.51 3.21 8.68
CA GLN B 41 -25.97 3.26 7.29
C GLN B 41 -26.90 3.89 6.22
N LEU B 42 -28.02 3.26 5.96
CA LEU B 42 -29.00 3.85 5.09
C LEU B 42 -28.95 5.30 5.34
N ALA B 43 -29.06 5.62 6.62
CA ALA B 43 -29.23 6.98 7.07
C ALA B 43 -28.11 7.92 6.69
N ALA B 44 -26.92 7.37 6.48
CA ALA B 44 -25.79 8.12 5.98
C ALA B 44 -26.06 8.66 4.58
N ASN B 45 -26.78 7.90 3.77
CA ASN B 45 -27.21 8.33 2.45
C ASN B 45 -26.07 8.77 1.56
N ILE B 46 -25.01 8.01 1.48
CA ILE B 46 -23.86 8.45 0.73
C ILE B 46 -24.09 7.98 -0.67
N LYS B 47 -23.39 8.61 -1.60
CA LYS B 47 -23.41 8.23 -2.99
C LYS B 47 -22.86 6.84 -3.18
N LEU B 48 -23.56 6.07 -3.99
CA LEU B 48 -23.19 4.73 -4.36
C LEU B 48 -23.27 4.63 -5.85
N PRO B 49 -22.49 3.75 -6.44
CA PRO B 49 -22.54 3.52 -7.87
C PRO B 49 -23.57 2.49 -8.26
N GLU B 50 -24.04 2.57 -9.49
CA GLU B 50 -25.11 1.69 -9.96
C GLU B 50 -24.68 0.24 -10.10
N VAL B 51 -25.57 -0.69 -9.78
CA VAL B 51 -25.22 -2.10 -9.72
C VAL B 51 -26.44 -3.01 -10.00
N ILE B 52 -26.18 -4.25 -10.41
CA ILE B 52 -27.24 -5.25 -10.55
C ILE B 52 -27.17 -6.33 -9.48
N GLU B 53 -28.16 -6.34 -8.59
CA GLU B 53 -28.11 -7.20 -7.41
C GLU B 53 -29.18 -8.30 -7.44
N GLU B 54 -28.86 -9.46 -6.90
CA GLU B 54 -29.75 -10.62 -6.91
C GLU B 54 -29.51 -11.52 -5.70
N ASP B 55 -30.58 -11.93 -5.03
CA ASP B 55 -30.48 -12.83 -3.87
C ASP B 55 -30.89 -14.27 -4.22
N LYS B 56 -30.20 -15.24 -3.65
CA LYS B 56 -30.43 -16.66 -3.89
C LYS B 56 -30.32 -17.54 -2.62
N VAL B 57 -31.12 -18.61 -2.58
CA VAL B 57 -31.09 -19.56 -1.48
C VAL B 57 -30.89 -20.94 -2.04
N VAL B 58 -29.80 -21.60 -1.66
CA VAL B 58 -29.37 -22.83 -2.34
C VAL B 58 -28.87 -23.90 -1.36
N GLU B 59 -28.63 -25.08 -1.91
CA GLU B 59 -28.15 -26.22 -1.15
C GLU B 59 -26.78 -26.63 -1.69
N SER B 60 -25.85 -27.00 -0.80
CA SER B 60 -24.47 -27.30 -1.17
C SER B 60 -23.72 -27.98 -0.02
N ASP B 61 -23.14 -29.14 -0.31
CA ASP B 61 -22.29 -29.88 0.64
C ASP B 61 -22.98 -30.18 1.98
N GLY B 62 -24.29 -30.37 1.96
CA GLY B 62 -25.03 -30.67 3.16
C GLY B 62 -25.46 -29.46 3.96
N LYS B 63 -25.41 -28.27 3.34
CA LYS B 63 -25.87 -27.07 4.01
C LYS B 63 -26.81 -26.23 3.15
N THR B 64 -27.59 -25.39 3.80
CA THR B 64 -28.45 -24.42 3.12
C THR B 64 -27.81 -23.04 3.31
N LEU B 65 -27.66 -22.31 2.22
CA LEU B 65 -26.96 -21.03 2.21
C LEU B 65 -27.84 -19.90 1.69
N LYS B 66 -27.53 -18.69 2.14
CA LYS B 66 -28.13 -17.48 1.58
C LYS B 66 -27.01 -16.66 0.95
N LEU B 67 -27.19 -16.27 -0.31
CA LEU B 67 -26.17 -15.56 -1.08
C LEU B 67 -26.73 -14.29 -1.74
N THR B 68 -25.87 -13.29 -1.92
CA THR B 68 -26.22 -12.12 -2.70
C THR B 68 -25.21 -11.96 -3.83
N ILE B 69 -25.69 -11.79 -5.05
CA ILE B 69 -24.82 -11.70 -6.23
C ILE B 69 -24.90 -10.32 -6.87
N VAL B 70 -23.73 -9.69 -7.04
CA VAL B 70 -23.63 -8.29 -7.44
C VAL B 70 -22.72 -8.16 -8.68
N ARG B 71 -23.13 -7.34 -9.65
CA ARG B 71 -22.45 -7.25 -10.95
C ARG B 71 -22.56 -5.82 -11.50
N PRO B 72 -21.60 -5.36 -12.32
CA PRO B 72 -21.77 -4.00 -12.86
C PRO B 72 -22.77 -3.97 -14.03
N PRO B 73 -23.42 -2.82 -14.27
CA PRO B 73 -24.38 -2.67 -15.40
C PRO B 73 -23.70 -2.79 -16.76
N GLY B 74 -24.36 -3.50 -17.68
CA GLY B 74 -23.86 -3.66 -19.04
C GLY B 74 -22.84 -4.77 -19.24
N THR B 75 -22.72 -5.66 -18.24
CA THR B 75 -21.77 -6.77 -18.30
C THR B 75 -22.43 -8.15 -18.19
N GLU B 76 -23.76 -8.18 -18.21
CA GLU B 76 -24.52 -9.41 -18.00
C GLU B 76 -24.17 -10.57 -18.97
N ASP B 77 -23.84 -10.23 -20.22
CA ASP B 77 -23.50 -11.24 -21.23
C ASP B 77 -21.98 -11.52 -21.30
N GLN B 78 -21.19 -10.69 -20.63
CA GLN B 78 -19.74 -10.89 -20.57
C GLN B 78 -19.35 -11.81 -19.41
N ILE B 79 -18.38 -12.68 -19.66
CA ILE B 79 -17.90 -13.63 -18.66
C ILE B 79 -16.83 -12.97 -17.81
N LEU B 80 -17.09 -12.90 -16.51
CA LEU B 80 -16.25 -12.14 -15.57
C LEU B 80 -15.56 -13.03 -14.54
N PRO B 81 -14.43 -12.55 -13.99
CA PRO B 81 -13.85 -13.21 -12.82
C PRO B 81 -14.74 -12.97 -11.61
N VAL B 82 -14.53 -13.74 -10.54
CA VAL B 82 -15.43 -13.73 -9.38
C VAL B 82 -14.69 -13.43 -8.05
N LEU B 83 -15.32 -12.62 -7.19
CA LEU B 83 -14.77 -12.26 -5.88
C LEU B 83 -15.69 -12.74 -4.75
N ILE B 84 -15.17 -13.63 -3.91
CA ILE B 84 -15.89 -14.12 -2.73
C ILE B 84 -15.67 -13.13 -1.60
N PHE B 85 -16.74 -12.46 -1.14
CA PHE B 85 -16.61 -11.45 -0.08
C PHE B 85 -17.26 -11.79 1.26
N LEU B 86 -16.45 -11.63 2.31
CA LEU B 86 -16.81 -12.00 3.69
C LEU B 86 -16.80 -10.79 4.62
N HIS B 87 -17.98 -10.40 5.13
CA HIS B 87 -18.06 -9.16 5.92
C HIS B 87 -17.57 -9.33 7.36
N GLY B 88 -17.12 -8.23 7.96
CA GLY B 88 -16.75 -8.18 9.37
C GLY B 88 -17.93 -7.87 10.29
N GLY B 89 -17.63 -7.59 11.56
CA GLY B 89 -18.66 -7.32 12.55
C GLY B 89 -18.51 -8.11 13.84
N GLY B 90 -17.31 -8.63 14.09
CA GLY B 90 -16.97 -9.31 15.33
C GLY B 90 -17.49 -10.74 15.40
N PHE B 91 -17.97 -11.23 14.26
CA PHE B 91 -18.71 -12.50 14.10
C PHE B 91 -20.14 -12.35 14.61
N VAL B 92 -20.51 -11.17 15.09
CA VAL B 92 -21.79 -10.99 15.79
C VAL B 92 -22.78 -10.12 15.01
N PHE B 93 -22.28 -9.11 14.30
CA PHE B 93 -23.13 -8.26 13.46
C PHE B 93 -22.65 -8.26 12.03
N GLY B 94 -23.34 -7.49 11.19
CA GLY B 94 -22.96 -7.33 9.80
C GLY B 94 -23.98 -7.92 8.84
N SER B 95 -24.09 -7.29 7.68
CA SER B 95 -25.01 -7.70 6.61
C SER B 95 -24.62 -7.00 5.32
N LYS B 96 -25.46 -7.18 4.29
CA LYS B 96 -25.22 -6.54 3.01
C LYS B 96 -25.54 -5.04 3.07
N TYR B 97 -26.22 -4.61 4.13
CA TYR B 97 -26.51 -3.19 4.28
C TYR B 97 -25.35 -2.45 4.98
N THR B 98 -24.68 -3.12 5.93
CA THR B 98 -23.58 -2.45 6.61
C THR B 98 -22.35 -2.33 5.71
N HIS B 99 -22.17 -3.29 4.81
CA HIS B 99 -20.94 -3.29 4.00
C HIS B 99 -21.23 -2.90 2.55
N ILE B 100 -22.32 -2.18 2.33
CA ILE B 100 -22.79 -1.90 0.98
C ILE B 100 -21.79 -1.00 0.22
N LYS B 101 -21.07 -0.14 0.93
CA LYS B 101 -20.20 0.81 0.26
C LYS B 101 -18.93 0.14 -0.32
N PRO B 102 -18.12 -0.55 0.53
CA PRO B 102 -16.95 -1.18 -0.12
C PRO B 102 -17.30 -2.30 -1.13
N VAL B 103 -18.39 -3.03 -0.93
CA VAL B 103 -18.77 -4.10 -1.85
C VAL B 103 -19.12 -3.54 -3.25
N ARG B 104 -19.91 -2.48 -3.29
CA ARG B 104 -20.26 -1.87 -4.58
C ARG B 104 -19.07 -1.16 -5.24
N ASP B 105 -18.18 -0.55 -4.46
CA ASP B 105 -16.95 0.05 -5.00
C ASP B 105 -16.03 -0.99 -5.64
N LEU B 106 -15.70 -2.03 -4.89
CA LEU B 106 -14.85 -3.12 -5.42
C LEU B 106 -15.44 -3.75 -6.67
N THR B 107 -16.74 -3.97 -6.69
CA THR B 107 -17.42 -4.63 -7.81
C THR B 107 -17.28 -3.82 -9.12
N VAL B 108 -17.64 -2.55 -9.06
CA VAL B 108 -17.66 -1.72 -10.25
C VAL B 108 -16.26 -1.31 -10.73
N LYS B 109 -15.33 -1.05 -9.80
CA LYS B 109 -13.97 -0.64 -10.15
C LYS B 109 -13.10 -1.80 -10.67
N ALA B 110 -13.28 -3.00 -10.12
CA ALA B 110 -12.50 -4.16 -10.57
C ALA B 110 -13.16 -4.88 -11.74
N ASN B 111 -14.45 -4.60 -11.95
CA ASN B 111 -15.25 -5.21 -13.03
C ASN B 111 -15.35 -6.72 -12.82
N VAL B 112 -16.00 -7.12 -11.71
CA VAL B 112 -16.14 -8.53 -11.32
C VAL B 112 -17.58 -8.85 -10.91
N VAL B 113 -17.84 -10.15 -10.69
CA VAL B 113 -19.04 -10.62 -10.01
C VAL B 113 -18.72 -10.88 -8.54
N THR B 114 -19.39 -10.17 -7.64
CA THR B 114 -19.16 -10.38 -6.20
C THR B 114 -20.24 -11.30 -5.63
N VAL B 115 -19.80 -12.39 -5.00
CA VAL B 115 -20.70 -13.28 -4.30
C VAL B 115 -20.57 -12.99 -2.80
N PHE B 116 -21.59 -12.36 -2.23
CA PHE B 116 -21.62 -12.00 -0.79
C PHE B 116 -22.23 -13.15 0.02
N VAL B 117 -21.43 -13.72 0.94
CA VAL B 117 -21.89 -14.88 1.71
C VAL B 117 -22.43 -14.47 3.05
N ASP B 118 -23.74 -14.62 3.20
CA ASP B 118 -24.45 -14.24 4.43
C ASP B 118 -24.35 -15.40 5.45
N TYR B 119 -23.18 -15.53 6.09
CA TYR B 119 -22.89 -16.67 6.97
C TYR B 119 -23.65 -16.58 8.29
N SER B 120 -23.68 -17.68 9.05
CA SER B 120 -24.40 -17.73 10.33
C SER B 120 -23.69 -16.93 11.43
N LEU B 121 -24.40 -16.03 12.11
CA LEU B 121 -23.76 -15.16 13.10
C LEU B 121 -23.68 -15.78 14.50
N SER B 122 -22.69 -15.34 15.29
CA SER B 122 -22.54 -15.72 16.70
C SER B 122 -23.26 -14.76 17.65
N PRO B 123 -23.68 -15.24 18.84
CA PRO B 123 -23.41 -16.54 19.48
C PRO B 123 -24.38 -17.67 19.13
N GLU B 124 -25.37 -17.45 18.25
CA GLU B 124 -26.31 -18.50 17.86
C GLU B 124 -25.59 -19.65 17.15
N ALA B 125 -24.56 -19.32 16.38
CA ALA B 125 -23.67 -20.31 15.79
C ALA B 125 -22.28 -20.05 16.32
N LYS B 126 -21.44 -21.09 16.37
CA LYS B 126 -20.07 -20.92 16.83
C LYS B 126 -19.09 -21.59 15.88
N PHE B 127 -17.80 -21.38 16.13
CA PHE B 127 -16.73 -22.03 15.40
C PHE B 127 -16.98 -23.55 15.42
N PRO B 128 -16.86 -24.21 14.25
CA PRO B 128 -16.44 -23.64 12.96
C PRO B 128 -17.54 -23.59 11.92
N THR B 129 -18.77 -23.31 12.32
CA THR B 129 -19.89 -23.40 11.38
C THR B 129 -19.72 -22.50 10.15
N ALA B 130 -19.41 -21.23 10.38
CA ALA B 130 -19.27 -20.26 9.28
C ALA B 130 -18.18 -20.65 8.29
N ILE B 131 -17.06 -21.17 8.79
CA ILE B 131 -15.99 -21.61 7.89
C ILE B 131 -16.49 -22.70 6.95
N GLU B 132 -17.29 -23.61 7.49
CA GLU B 132 -17.81 -24.73 6.71
C GLU B 132 -18.85 -24.25 5.68
N GLU B 133 -19.63 -23.24 6.04
CA GLU B 133 -20.59 -22.66 5.10
C GLU B 133 -19.87 -21.99 3.92
N ILE B 134 -18.74 -21.33 4.20
CA ILE B 134 -18.07 -20.57 3.15
C ILE B 134 -17.37 -21.54 2.17
N TYR B 135 -16.89 -22.66 2.67
CA TYR B 135 -16.33 -23.68 1.79
C TYR B 135 -17.40 -24.22 0.82
N ALA B 136 -18.61 -24.43 1.36
CA ALA B 136 -19.72 -24.94 0.57
C ALA B 136 -20.19 -23.94 -0.49
N ALA B 137 -20.08 -22.65 -0.17
CA ALA B 137 -20.45 -21.65 -1.17
C ALA B 137 -19.41 -21.62 -2.29
N ILE B 138 -18.15 -21.80 -1.93
CA ILE B 138 -17.11 -21.88 -2.95
C ILE B 138 -17.38 -23.06 -3.89
N LEU B 139 -17.82 -24.19 -3.34
CA LEU B 139 -18.18 -25.34 -4.16
C LEU B 139 -19.38 -25.02 -5.04
N TRP B 140 -20.34 -24.27 -4.52
CA TRP B 140 -21.54 -23.95 -5.28
C TRP B 140 -21.24 -23.04 -6.46
N VAL B 141 -20.39 -22.03 -6.24
CA VAL B 141 -20.00 -21.10 -7.29
C VAL B 141 -19.30 -21.83 -8.43
N ARG B 142 -18.47 -22.80 -8.07
CA ARG B 142 -17.79 -23.65 -9.05
C ARG B 142 -18.73 -24.56 -9.87
N GLU B 143 -19.85 -24.98 -9.27
CA GLU B 143 -20.84 -25.83 -9.94
C GLU B 143 -21.70 -25.08 -10.94
N ASN B 144 -21.87 -23.78 -10.71
CA ASN B 144 -22.84 -23.03 -11.50
C ASN B 144 -22.25 -21.86 -12.27
N ALA B 145 -21.01 -21.99 -12.73
CA ALA B 145 -20.31 -20.88 -13.39
C ALA B 145 -21.00 -20.42 -14.68
N SER B 146 -21.53 -21.38 -15.43
CA SER B 146 -22.17 -21.10 -16.71
C SER B 146 -23.51 -20.39 -16.51
N SER B 147 -24.15 -20.63 -15.38
CA SER B 147 -25.42 -19.99 -15.09
C SER B 147 -25.25 -18.62 -14.47
N LEU B 148 -24.08 -18.38 -13.88
CA LEU B 148 -23.72 -17.09 -13.27
C LEU B 148 -22.90 -16.24 -14.23
N ASN B 149 -22.48 -16.84 -15.35
CA ASN B 149 -21.62 -16.18 -16.33
C ASN B 149 -20.26 -15.71 -15.77
N ILE B 150 -19.53 -16.65 -15.16
CA ILE B 150 -18.19 -16.37 -14.65
C ILE B 150 -17.15 -17.43 -15.03
N ASN B 151 -15.89 -17.01 -15.09
CA ASN B 151 -14.75 -17.92 -15.16
C ASN B 151 -14.37 -18.31 -13.75
N ALA B 152 -14.80 -19.50 -13.36
CA ALA B 152 -14.67 -19.93 -11.97
C ALA B 152 -13.21 -20.16 -11.58
N GLU B 153 -12.32 -20.29 -12.57
CA GLU B 153 -10.92 -20.46 -12.20
C GLU B 153 -10.34 -19.16 -11.65
N ALA B 154 -10.81 -18.03 -12.18
CA ALA B 154 -10.33 -16.74 -11.72
C ALA B 154 -11.12 -16.30 -10.49
N LEU B 155 -10.73 -16.83 -9.34
CA LEU B 155 -11.50 -16.71 -8.10
C LEU B 155 -10.60 -16.18 -6.98
N ALA B 156 -11.14 -15.27 -6.17
CA ALA B 156 -10.42 -14.66 -5.04
C ALA B 156 -11.31 -14.58 -3.77
N VAL B 157 -10.71 -14.58 -2.58
CA VAL B 157 -11.50 -14.32 -1.36
C VAL B 157 -10.95 -13.11 -0.62
N ALA B 158 -11.85 -12.27 -0.11
CA ALA B 158 -11.46 -11.03 0.56
C ALA B 158 -12.44 -10.67 1.67
N GLY B 159 -11.93 -10.11 2.78
CA GLY B 159 -12.78 -9.68 3.89
C GLY B 159 -12.15 -8.70 4.89
N ASP B 160 -12.98 -8.05 5.69
CA ASP B 160 -12.52 -7.12 6.74
C ASP B 160 -12.65 -7.69 8.17
N SER B 161 -11.67 -7.41 9.04
CA SER B 161 -11.72 -7.83 10.45
C SER B 161 -12.02 -9.34 10.62
N ALA B 162 -13.17 -9.66 11.20
CA ALA B 162 -13.58 -11.08 11.31
C ALA B 162 -13.78 -11.73 9.93
N GLY B 163 -14.11 -10.94 8.92
CA GLY B 163 -14.21 -11.47 7.57
C GLY B 163 -12.84 -11.80 7.00
N ALA B 164 -11.83 -11.06 7.45
CA ALA B 164 -10.44 -11.33 7.06
C ALA B 164 -9.93 -12.61 7.72
N THR B 165 -10.29 -12.79 8.98
CA THR B 165 -9.95 -14.03 9.70
C THR B 165 -10.58 -15.21 8.95
N LEU B 166 -11.83 -15.08 8.54
CA LEU B 166 -12.49 -16.16 7.81
C LEU B 166 -11.86 -16.46 6.45
N SER B 167 -11.44 -15.42 5.72
CA SER B 167 -10.77 -15.63 4.42
C SER B 167 -9.53 -16.51 4.54
N ALA B 168 -8.72 -16.23 5.56
CA ALA B 168 -7.47 -16.94 5.76
C ALA B 168 -7.70 -18.39 6.21
N ALA B 169 -8.63 -18.58 7.15
CA ALA B 169 -8.93 -19.94 7.62
C ALA B 169 -9.56 -20.80 6.51
N VAL B 170 -10.47 -20.25 5.71
CA VAL B 170 -11.07 -21.09 4.66
C VAL B 170 -10.04 -21.40 3.54
N SER B 171 -8.98 -20.63 3.44
CA SER B 171 -7.91 -21.00 2.50
C SER B 171 -7.14 -22.25 2.95
N ILE B 172 -6.99 -22.44 4.27
CA ILE B 172 -6.33 -23.61 4.84
C ILE B 172 -7.26 -24.83 4.81
N TYR B 173 -8.51 -24.61 5.25
CA TYR B 173 -9.56 -25.63 5.26
C TYR B 173 -9.74 -26.25 3.87
N ALA B 174 -9.80 -25.39 2.86
CA ALA B 174 -10.01 -25.87 1.50
C ALA B 174 -8.83 -26.72 1.07
N LYS B 175 -7.63 -26.32 1.49
CA LYS B 175 -6.42 -27.07 1.15
C LYS B 175 -6.43 -28.46 1.79
N GLU B 176 -6.91 -28.53 3.03
CA GLU B 176 -6.94 -29.79 3.79
C GLU B 176 -8.03 -30.71 3.25
N LYS B 177 -8.91 -30.14 2.42
CA LYS B 177 -9.99 -30.90 1.77
C LYS B 177 -9.60 -31.36 0.37
N GLY B 178 -8.40 -31.00 -0.08
CA GLY B 178 -7.95 -31.40 -1.39
C GLY B 178 -8.40 -30.45 -2.49
N LEU B 179 -8.81 -29.25 -2.09
CA LEU B 179 -9.27 -28.24 -3.06
C LEU B 179 -8.27 -27.09 -3.08
N SER B 180 -6.99 -27.42 -3.26
CA SER B 180 -5.92 -26.44 -3.02
C SER B 180 -5.64 -25.50 -4.20
N ALA B 181 -6.29 -25.74 -5.34
CA ALA B 181 -6.02 -24.93 -6.52
C ALA B 181 -7.17 -23.96 -6.83
N ALA B 182 -8.22 -24.02 -6.01
CA ALA B 182 -9.42 -23.22 -6.22
C ALA B 182 -9.20 -21.71 -5.99
N ILE B 183 -8.61 -21.32 -4.87
CA ILE B 183 -8.42 -19.91 -4.54
C ILE B 183 -7.09 -19.35 -5.09
N LYS B 184 -7.16 -18.37 -6.01
CA LYS B 184 -5.94 -17.85 -6.63
C LYS B 184 -5.26 -16.71 -5.85
N THR B 185 -6.01 -16.10 -4.92
CA THR B 185 -5.43 -15.11 -3.99
C THR B 185 -6.35 -14.84 -2.78
N GLN B 186 -5.74 -14.48 -1.65
CA GLN B 186 -6.46 -14.10 -0.43
C GLN B 186 -6.16 -12.62 -0.08
N VAL B 187 -7.22 -11.83 0.14
CA VAL B 187 -7.09 -10.41 0.51
C VAL B 187 -7.59 -10.19 1.95
N LEU B 188 -6.66 -9.81 2.85
CA LEU B 188 -6.88 -9.83 4.30
C LEU B 188 -6.78 -8.46 4.96
N ILE B 189 -7.91 -7.87 5.34
CA ILE B 189 -7.93 -6.49 5.87
C ILE B 189 -8.08 -6.44 7.41
N TYR B 190 -6.99 -6.06 8.10
CA TYR B 190 -6.86 -6.13 9.57
C TYR B 190 -7.53 -7.35 10.23
N PRO B 191 -6.98 -8.57 10.00
CA PRO B 191 -7.52 -9.78 10.62
C PRO B 191 -7.14 -9.95 12.10
N ALA B 192 -7.86 -10.82 12.80
CA ALA B 192 -7.49 -11.23 14.16
C ALA B 192 -6.94 -12.66 14.12
N THR B 193 -5.80 -12.88 14.79
CA THR B 193 -5.08 -14.15 14.71
C THR B 193 -4.64 -14.82 16.04
N ALA B 194 -4.60 -14.05 17.14
CA ALA B 194 -3.89 -14.47 18.38
C ALA B 194 -4.66 -15.34 19.40
N VAL B 195 -3.97 -16.31 20.00
CA VAL B 195 -4.48 -17.00 21.18
C VAL B 195 -4.60 -16.04 22.36
N SER B 196 -3.53 -15.27 22.58
CA SER B 196 -3.49 -14.24 23.60
C SER B 196 -3.02 -12.92 22.99
N HIS B 197 -3.85 -11.89 23.12
CA HIS B 197 -3.56 -10.62 22.48
C HIS B 197 -2.56 -9.79 23.27
N ALA B 198 -2.51 -10.00 24.59
CA ALA B 198 -1.67 -9.19 25.49
C ALA B 198 -0.18 -9.46 25.33
N LYS B 199 0.18 -10.47 24.55
CA LYS B 199 1.56 -10.73 24.15
C LYS B 199 2.13 -9.63 23.21
N TYR B 200 1.26 -8.89 22.52
CA TYR B 200 1.69 -7.91 21.52
C TYR B 200 1.56 -6.48 22.06
N GLU B 201 2.51 -5.62 21.70
CA GLU B 201 2.56 -4.26 22.26
C GLU B 201 1.34 -3.43 21.87
N SER B 202 0.78 -3.66 20.68
CA SER B 202 -0.35 -2.83 20.23
C SER B 202 -1.62 -3.06 21.07
N TYR B 203 -1.76 -4.23 21.72
CA TYR B 203 -2.87 -4.47 22.67
C TYR B 203 -2.81 -3.46 23.81
N LYS B 204 -1.61 -3.25 24.35
CA LYS B 204 -1.44 -2.30 25.44
C LYS B 204 -1.68 -0.86 24.99
N LEU B 205 -1.08 -0.48 23.87
CA LEU B 205 -1.13 0.90 23.41
C LEU B 205 -2.53 1.41 23.06
N PHE B 206 -3.37 0.55 22.47
CA PHE B 206 -4.64 1.02 21.90
C PHE B 206 -5.87 0.31 22.45
N GLY B 207 -5.71 -0.47 23.52
CA GLY B 207 -6.81 -1.31 23.98
C GLY B 207 -7.56 -0.87 25.23
N ASN B 208 -7.21 0.32 25.73
CA ASN B 208 -7.73 0.76 27.03
C ASN B 208 -9.09 1.49 26.98
N GLY B 209 -9.71 1.53 25.81
CA GLY B 209 -11.04 2.14 25.66
C GLY B 209 -11.06 3.53 25.03
N ASP B 210 -9.91 4.02 24.59
CA ASP B 210 -9.89 5.30 23.89
C ASP B 210 -9.77 5.11 22.37
N TYR B 211 -9.80 3.87 21.90
CA TYR B 211 -9.87 3.57 20.45
C TYR B 211 -11.00 2.59 20.09
N ILE B 212 -11.34 2.53 18.80
CA ILE B 212 -12.54 1.82 18.32
C ILE B 212 -12.66 0.34 18.73
N LEU B 213 -11.57 -0.41 18.76
CA LEU B 213 -11.70 -1.78 19.24
C LEU B 213 -10.90 -2.00 20.54
N SER B 214 -11.60 -2.02 21.67
CA SER B 214 -10.97 -2.14 23.01
C SER B 214 -10.77 -3.59 23.43
N ALA B 215 -9.90 -3.78 24.42
CA ALA B 215 -9.70 -5.12 24.99
C ALA B 215 -11.00 -5.68 25.57
N GLU B 216 -11.86 -4.77 26.07
CA GLU B 216 -13.17 -5.15 26.60
C GLU B 216 -14.09 -5.62 25.50
N ASP B 217 -14.05 -4.94 24.35
CA ASP B 217 -14.84 -5.34 23.17
C ASP B 217 -14.39 -6.68 22.62
N LEU B 218 -13.07 -6.87 22.51
CA LEU B 218 -12.51 -8.12 22.00
C LEU B 218 -12.95 -9.31 22.81
N LYS B 219 -13.02 -9.13 24.12
CA LYS B 219 -13.38 -10.22 25.02
C LYS B 219 -14.81 -10.62 24.78
N PHE B 220 -15.66 -9.64 24.47
CA PHE B 220 -17.07 -9.95 24.18
C PHE B 220 -17.19 -10.81 22.91
N PHE B 221 -16.46 -10.45 21.85
CA PHE B 221 -16.58 -11.18 20.59
C PHE B 221 -16.01 -12.59 20.67
N SER B 222 -14.91 -12.78 21.39
CA SER B 222 -14.30 -14.12 21.52
C SER B 222 -15.24 -15.09 22.25
N ASN B 223 -15.88 -14.60 23.32
CA ASN B 223 -16.80 -15.43 24.09
C ASN B 223 -18.04 -15.74 23.25
N ALA B 224 -18.41 -14.82 22.36
CA ALA B 224 -19.55 -15.06 21.48
C ALA B 224 -19.23 -16.11 20.41
N TYR B 225 -18.04 -16.04 19.83
CA TYR B 225 -17.63 -16.88 18.70
C TYR B 225 -17.14 -18.27 19.11
N LEU B 226 -16.33 -18.35 20.17
CA LEU B 226 -15.69 -19.61 20.54
C LEU B 226 -16.54 -20.48 21.48
N PRO B 227 -16.55 -21.81 21.25
CA PRO B 227 -17.29 -22.75 22.12
C PRO B 227 -16.49 -23.14 23.38
N ALA B 228 -15.22 -22.73 23.43
CA ALA B 228 -14.35 -22.97 24.56
C ALA B 228 -13.24 -21.91 24.58
N PRO B 229 -12.44 -21.83 25.66
CA PRO B 229 -11.33 -20.87 25.60
C PRO B 229 -10.25 -21.26 24.60
N ALA B 230 -9.65 -20.26 23.94
CA ALA B 230 -8.70 -20.50 22.84
C ALA B 230 -7.54 -21.40 23.24
N SER B 231 -7.10 -21.27 24.50
CA SER B 231 -6.00 -22.07 25.00
C SER B 231 -6.34 -23.55 25.14
N GLU B 232 -7.61 -23.84 25.43
CA GLU B 232 -8.06 -25.24 25.51
C GLU B 232 -8.43 -25.77 24.13
N LEU B 233 -8.90 -24.88 23.26
CA LEU B 233 -9.29 -25.28 21.91
C LEU B 233 -8.08 -25.73 21.10
N ASN B 234 -7.02 -24.93 21.10
CA ASN B 234 -5.77 -25.31 20.44
C ASN B 234 -5.98 -25.69 18.96
N ASP B 235 -6.73 -24.86 18.24
CA ASP B 235 -7.10 -25.11 16.85
C ASP B 235 -6.73 -23.93 15.97
N LYS B 236 -5.86 -24.19 14.99
CA LYS B 236 -5.32 -23.15 14.10
C LYS B 236 -6.39 -22.44 13.26
N LEU B 237 -7.46 -23.16 12.93
CA LEU B 237 -8.54 -22.61 12.13
C LEU B 237 -9.38 -21.62 12.96
N ALA B 238 -9.26 -21.71 14.29
CA ALA B 238 -9.89 -20.74 15.19
C ALA B 238 -8.97 -19.55 15.43
N THR B 239 -7.73 -19.86 15.78
CA THR B 239 -6.72 -18.84 16.05
C THR B 239 -5.49 -19.08 15.16
N LEU B 240 -5.49 -18.40 14.01
CA LEU B 240 -4.48 -18.52 12.96
C LEU B 240 -3.01 -18.53 13.44
N GLU B 241 -2.74 -17.87 14.55
CA GLU B 241 -1.38 -17.78 15.09
C GLU B 241 -0.74 -19.14 15.37
N LEU B 242 -1.57 -20.15 15.63
CA LEU B 242 -1.06 -21.48 15.95
C LEU B 242 -0.58 -22.27 14.72
N ALA B 243 -0.82 -21.74 13.52
CA ALA B 243 -0.50 -22.46 12.29
C ALA B 243 0.98 -22.79 12.15
N THR B 244 1.27 -24.04 11.78
CA THR B 244 2.65 -24.45 11.53
C THR B 244 3.10 -24.10 10.12
N LYS B 245 4.41 -24.14 9.91
CA LYS B 245 5.00 -23.98 8.60
C LYS B 245 4.41 -25.00 7.63
N ALA B 246 4.17 -26.22 8.12
CA ALA B 246 3.58 -27.25 7.28
C ALA B 246 2.16 -26.91 6.88
N ASP B 247 1.40 -26.35 7.82
CA ASP B 247 0.03 -25.89 7.55
C ASP B 247 -0.03 -24.82 6.45
N LEU B 248 0.97 -23.95 6.39
CA LEU B 248 0.87 -22.77 5.54
C LEU B 248 1.48 -22.94 4.14
N GLU B 249 2.28 -24.00 3.95
CA GLU B 249 2.90 -24.28 2.64
C GLU B 249 1.87 -24.51 1.52
N GLY B 250 2.12 -23.91 0.36
CA GLY B 250 1.25 -24.09 -0.80
C GLY B 250 -0.01 -23.25 -0.80
N LEU B 251 -0.13 -22.33 0.15
CA LEU B 251 -1.32 -21.46 0.21
C LEU B 251 -1.24 -20.35 -0.84
N PRO B 252 -2.39 -19.75 -1.18
CA PRO B 252 -2.38 -18.74 -2.24
C PRO B 252 -1.83 -17.39 -1.82
N PRO B 253 -1.24 -16.64 -2.77
CA PRO B 253 -0.63 -15.33 -2.58
C PRO B 253 -1.53 -14.37 -1.82
N ALA B 254 -0.94 -13.58 -0.92
CA ALA B 254 -1.72 -12.76 -0.01
C ALA B 254 -1.44 -11.27 -0.18
N LEU B 255 -2.47 -10.48 0.08
CA LEU B 255 -2.35 -9.03 0.26
C LEU B 255 -2.93 -8.74 1.64
N LEU B 256 -2.11 -8.21 2.55
CA LEU B 256 -2.56 -7.97 3.93
C LEU B 256 -2.40 -6.50 4.32
N PHE B 257 -3.48 -5.92 4.86
CA PHE B 257 -3.47 -4.56 5.39
C PHE B 257 -3.58 -4.60 6.90
N THR B 258 -2.82 -3.72 7.53
CA THR B 258 -2.84 -3.58 8.95
C THR B 258 -3.09 -2.10 9.25
N ALA B 259 -3.70 -1.78 10.39
CA ALA B 259 -3.96 -0.38 10.73
C ALA B 259 -3.03 0.09 11.85
N GLU B 260 -2.47 1.31 11.71
CA GLU B 260 -1.47 1.78 12.66
C GLU B 260 -1.99 1.84 14.09
N SER B 261 -3.20 2.39 14.29
CA SER B 261 -3.74 2.50 15.65
C SER B 261 -4.84 1.49 15.89
N ASP B 262 -4.44 0.25 16.17
CA ASP B 262 -5.33 -0.91 16.20
C ASP B 262 -4.68 -2.01 17.03
N VAL B 263 -5.40 -2.50 18.05
CA VAL B 263 -4.86 -3.56 18.94
C VAL B 263 -4.35 -4.78 18.18
N LEU B 264 -5.00 -5.09 17.06
CA LEU B 264 -4.66 -6.27 16.24
C LEU B 264 -3.46 -6.03 15.31
N ARG B 265 -2.83 -4.86 15.40
CA ARG B 265 -1.79 -4.49 14.44
C ARG B 265 -0.63 -5.47 14.40
N ASP B 266 -0.05 -5.75 15.57
CA ASP B 266 1.20 -6.50 15.60
C ASP B 266 0.96 -7.98 15.29
N GLU B 267 -0.20 -8.50 15.67
CA GLU B 267 -0.46 -9.91 15.40
C GLU B 267 -0.81 -10.13 13.92
N GLY B 268 -1.40 -9.12 13.29
CA GLY B 268 -1.60 -9.18 11.86
C GLY B 268 -0.25 -9.18 11.14
N GLU B 269 0.68 -8.34 11.59
CA GLU B 269 1.99 -8.25 10.93
C GLU B 269 2.79 -9.53 11.18
N LYS B 270 2.49 -10.22 12.29
CA LYS B 270 3.17 -11.49 12.59
C LYS B 270 2.69 -12.59 11.66
N TYR B 271 1.41 -12.58 11.33
CA TYR B 271 0.89 -13.60 10.41
C TYR B 271 1.49 -13.41 9.00
N ALA B 272 1.71 -12.16 8.58
CA ALA B 272 2.41 -11.91 7.31
C ALA B 272 3.77 -12.60 7.30
N GLN B 273 4.51 -12.45 8.38
CA GLN B 273 5.83 -13.05 8.51
C GLN B 273 5.77 -14.58 8.41
N GLN B 274 4.75 -15.16 9.04
CA GLN B 274 4.54 -16.60 9.06
C GLN B 274 4.28 -17.16 7.66
N LEU B 275 3.44 -16.44 6.90
CA LEU B 275 3.17 -16.83 5.52
C LEU B 275 4.43 -16.71 4.64
N ALA B 276 5.20 -15.64 4.79
CA ALA B 276 6.42 -15.49 3.98
C ALA B 276 7.47 -16.54 4.36
N GLU B 277 7.55 -16.90 5.64
CA GLU B 277 8.49 -17.95 6.08
C GLU B 277 8.18 -19.30 5.42
N ALA B 278 6.90 -19.53 5.13
CA ALA B 278 6.49 -20.80 4.55
C ALA B 278 6.58 -20.77 3.03
N GLY B 279 7.09 -19.68 2.48
CA GLY B 279 7.29 -19.61 1.05
C GLY B 279 6.14 -19.02 0.27
N VAL B 280 5.12 -18.51 0.96
CA VAL B 280 3.97 -17.91 0.28
C VAL B 280 4.31 -16.48 -0.20
N ASP B 281 3.89 -16.13 -1.40
CA ASP B 281 4.03 -14.75 -1.90
C ASP B 281 3.17 -13.77 -1.11
N VAL B 282 3.80 -12.85 -0.38
CA VAL B 282 3.07 -11.93 0.50
C VAL B 282 3.47 -10.45 0.32
N ALA B 283 2.50 -9.59 0.05
CA ALA B 283 2.67 -8.14 0.12
C ALA B 283 1.87 -7.63 1.30
N ALA B 284 2.55 -7.01 2.26
CA ALA B 284 1.90 -6.55 3.48
C ALA B 284 2.30 -5.11 3.80
N VAL B 285 1.33 -4.26 4.19
CA VAL B 285 1.61 -2.87 4.57
C VAL B 285 0.88 -2.42 5.83
N ARG B 286 1.51 -1.50 6.57
CA ARG B 286 0.86 -0.79 7.68
C ARG B 286 0.32 0.57 7.22
N VAL B 287 -0.99 0.80 7.41
CA VAL B 287 -1.59 2.05 6.98
C VAL B 287 -1.57 3.13 8.07
N LEU B 288 -0.84 4.21 7.79
CA LEU B 288 -0.58 5.29 8.75
C LEU B 288 -1.78 6.21 8.92
N GLY B 289 -2.07 6.57 10.17
CA GLY B 289 -3.18 7.46 10.48
C GLY B 289 -4.54 6.75 10.60
N ALA B 290 -4.54 5.44 10.40
CA ALA B 290 -5.82 4.72 10.34
C ALA B 290 -6.10 3.94 11.61
N VAL B 291 -7.39 3.63 11.82
CA VAL B 291 -7.85 2.88 13.01
C VAL B 291 -8.53 1.59 12.57
N HIS B 292 -8.78 0.68 13.51
CA HIS B 292 -9.49 -0.55 13.20
C HIS B 292 -10.87 -0.29 12.58
N GLY B 293 -11.22 -1.10 11.58
CA GLY B 293 -12.53 -1.03 10.95
C GLY B 293 -12.73 0.04 9.88
N PHE B 294 -11.65 0.67 9.40
CA PHE B 294 -11.85 1.89 8.61
C PHE B 294 -12.51 1.70 7.24
N ILE B 295 -12.55 0.48 6.72
CA ILE B 295 -13.12 0.29 5.39
C ILE B 295 -14.64 0.53 5.39
N THR B 296 -15.30 0.46 6.55
CA THR B 296 -16.76 0.70 6.61
C THR B 296 -17.18 2.09 7.10
N VAL B 297 -16.24 3.02 7.22
CA VAL B 297 -16.54 4.41 7.58
C VAL B 297 -17.01 5.20 6.34
N PRO B 298 -18.22 5.77 6.41
CA PRO B 298 -18.93 6.43 5.29
C PRO B 298 -18.23 7.66 4.68
N VAL B 299 -17.66 8.50 5.53
CA VAL B 299 -17.00 9.70 5.03
C VAL B 299 -15.60 9.38 4.53
N GLU B 300 -15.40 9.62 3.24
CA GLU B 300 -14.19 9.25 2.52
C GLU B 300 -12.91 9.94 3.06
N THR B 301 -11.83 9.16 3.15
CA THR B 301 -10.53 9.65 3.60
C THR B 301 -9.47 9.24 2.59
N PRO B 302 -8.28 9.88 2.63
CA PRO B 302 -7.23 9.47 1.70
C PRO B 302 -6.87 7.99 1.83
N GLN B 303 -7.10 7.43 3.02
CA GLN B 303 -6.83 6.02 3.32
C GLN B 303 -7.92 5.09 2.77
N TYR B 304 -9.17 5.54 2.72
CA TYR B 304 -10.21 4.70 2.14
C TYR B 304 -9.95 4.55 0.64
N ARG B 305 -9.66 5.68 -0.01
CA ARG B 305 -9.43 5.68 -1.45
C ARG B 305 -8.19 4.85 -1.84
N PHE B 306 -7.09 5.04 -1.12
CA PHE B 306 -5.86 4.28 -1.35
C PHE B 306 -6.15 2.78 -1.26
N THR B 307 -6.88 2.38 -0.24
CA THR B 307 -7.05 0.96 0.04
C THR B 307 -7.95 0.29 -1.00
N ILE B 308 -9.03 0.96 -1.40
CA ILE B 308 -9.87 0.42 -2.48
C ILE B 308 -9.10 0.30 -3.81
N ASN B 309 -8.45 1.38 -4.25
CA ASN B 309 -7.68 1.33 -5.52
C ASN B 309 -6.53 0.30 -5.52
N THR B 310 -5.91 0.12 -4.36
CA THR B 310 -4.76 -0.77 -4.26
C THR B 310 -5.23 -2.25 -4.31
N ILE B 311 -6.33 -2.58 -3.63
CA ILE B 311 -6.93 -3.91 -3.77
C ILE B 311 -7.36 -4.18 -5.24
N VAL B 312 -7.98 -3.19 -5.87
CA VAL B 312 -8.43 -3.36 -7.26
C VAL B 312 -7.22 -3.66 -8.19
N ALA B 313 -6.10 -2.98 -7.95
CA ALA B 313 -4.92 -3.20 -8.78
C ALA B 313 -4.28 -4.59 -8.55
N HIS B 314 -4.37 -5.11 -7.33
CA HIS B 314 -3.85 -6.45 -7.01
C HIS B 314 -4.75 -7.55 -7.61
N LEU B 315 -6.06 -7.37 -7.50
CA LEU B 315 -6.99 -8.35 -8.07
C LEU B 315 -6.83 -8.44 -9.61
N ARG B 316 -6.67 -7.30 -10.27
CA ARG B 316 -6.54 -7.32 -11.72
C ARG B 316 -5.18 -7.86 -12.16
N ASP B 317 -4.18 -7.71 -11.29
CA ASP B 317 -2.88 -8.32 -11.58
C ASP B 317 -3.00 -9.85 -11.55
N ILE B 318 -3.66 -10.39 -10.52
CA ILE B 318 -3.81 -11.84 -10.38
C ILE B 318 -4.69 -12.44 -11.48
N TYR B 319 -5.84 -11.83 -11.71
CA TYR B 319 -6.81 -12.36 -12.66
C TYR B 319 -6.24 -12.45 -14.09
N ALA B 320 -5.35 -11.53 -14.45
CA ALA B 320 -4.85 -11.47 -15.82
C ALA B 320 -4.04 -12.71 -16.23
N LYS B 321 -3.46 -13.38 -15.27
CA LYS B 321 -2.71 -14.54 -15.61
C LYS B 321 -3.53 -15.79 -15.72
N TYR B 322 -4.84 -15.64 -15.86
CA TYR B 322 -5.78 -16.75 -15.96
C TYR B 322 -6.82 -16.48 -17.04
N ASN B 323 -6.50 -15.60 -17.95
CA ASN B 323 -7.44 -15.30 -19.01
C ASN B 323 -6.84 -15.46 -20.41
#